data_9FJH
#
_entry.id   9FJH
#
_cell.length_a   84.890
_cell.length_b   135.090
_cell.length_c   60.950
_cell.angle_alpha   90.00
_cell.angle_beta   90.00
_cell.angle_gamma   90.00
#
_symmetry.space_group_name_H-M   'P 21 21 2'
#
loop_
_entity.id
_entity.type
_entity.pdbx_description
1 polymer 'Serine/threonine-protein kinase PLK1'
2 polymer 'Centromere protein U'
3 non-polymer 'TRIETHYLENE GLYCOL'
4 non-polymer 'TETRAETHYLENE GLYCOL'
5 non-polymer 'PHOSPHATE ION'
6 water water
#
loop_
_entity_poly.entity_id
_entity_poly.type
_entity_poly.pdbx_seq_one_letter_code
_entity_poly.pdbx_strand_id
1 'polypeptide(L)'
;GSKGLENPLPERPREKEEPVVRETGEVVDCHLSDMLQQLHSVNASKPSERGLVRQEEAEDPACIPIFWVSKWVDYSDKYG
LGYQLCDNSVGVLFNDSTRLILYNDGDSLQYIERDGTESYLTVSSHPNSLMKKITLLKYFRNYMSEHLLKAGANITPREG
DELARLPYLRTWFRTRSAIILHLSNGSVQINFFQDHTKLILCPLMAAVTYIDEKRDFRTYRLSLLEEYGCCKELASRLRY
ARTMVDKLLSSRSASNRLKAS
;
A,B
2 'polypeptide(L)' GSLGENEKDEETYETFDPPLHS(TPO)AIYADEEEFSKHCGLSLSS(TPO)PPGKEAKRSSDTSGNE C
#
loop_
_chem_comp.id
_chem_comp.type
_chem_comp.name
_chem_comp.formula
PG4 non-polymer 'TETRAETHYLENE GLYCOL' 'C8 H18 O5'
PGE non-polymer 'TRIETHYLENE GLYCOL' 'C6 H14 O4'
PO4 non-polymer 'PHOSPHATE ION' 'O4 P -3'
#
# COMPACT_ATOMS: atom_id res chain seq x y z
N ASP A 29 -22.70 24.97 -22.56
CA ASP A 29 -21.71 25.54 -21.66
C ASP A 29 -20.52 26.06 -22.44
N CYS A 30 -20.22 27.35 -22.25
CA CYS A 30 -19.11 27.96 -22.98
C CYS A 30 -17.76 27.45 -22.50
N HIS A 31 -17.64 27.12 -21.21
CA HIS A 31 -16.37 26.62 -20.69
C HIS A 31 -16.05 25.25 -21.26
N LEU A 32 -17.03 24.34 -21.26
CA LEU A 32 -16.80 23.02 -21.84
C LEU A 32 -16.45 23.12 -23.32
N SER A 33 -17.16 23.98 -24.06
CA SER A 33 -16.87 24.16 -25.48
C SER A 33 -15.43 24.60 -25.69
N ASP A 34 -14.94 25.53 -24.86
CA ASP A 34 -13.55 25.94 -24.96
C ASP A 34 -12.61 24.77 -24.66
N MET A 35 -12.87 24.05 -23.57
CA MET A 35 -12.01 22.93 -23.21
CA MET A 35 -12.01 22.93 -23.21
C MET A 35 -11.96 21.91 -24.33
N LEU A 36 -13.09 21.65 -24.99
CA LEU A 36 -13.11 20.70 -26.09
C LEU A 36 -12.22 21.18 -27.24
N GLN A 37 -12.33 22.46 -27.60
CA GLN A 37 -11.49 23.00 -28.66
C GLN A 37 -10.02 22.92 -28.29
N GLN A 38 -9.69 23.23 -27.03
CA GLN A 38 -8.31 23.16 -26.59
C GLN A 38 -7.77 21.73 -26.66
N LEU A 39 -8.55 20.76 -26.20
CA LEU A 39 -8.07 19.38 -26.19
C LEU A 39 -7.98 18.82 -27.60
N HIS A 40 -8.97 19.11 -28.45
CA HIS A 40 -8.91 18.63 -29.84
C HIS A 40 -7.68 19.16 -30.55
N SER A 41 -7.35 20.44 -30.34
CA SER A 41 -6.20 21.04 -31.01
C SER A 41 -4.91 20.33 -30.62
N VAL A 42 -4.70 20.12 -29.32
CA VAL A 42 -3.47 19.49 -28.87
C VAL A 42 -3.45 18.02 -29.26
N ASN A 43 -4.58 17.32 -29.15
CA ASN A 43 -4.61 15.90 -29.48
C ASN A 43 -4.43 15.68 -30.98
N ALA A 44 -5.01 16.56 -31.79
CA ALA A 44 -4.87 16.42 -33.24
C ALA A 44 -3.42 16.53 -33.68
N SER A 45 -2.60 17.27 -32.94
CA SER A 45 -1.19 17.41 -33.26
C SER A 45 -0.38 16.18 -32.89
N LYS A 46 -1.00 15.18 -32.25
CA LYS A 46 -0.32 13.93 -31.91
C LYS A 46 0.94 14.25 -31.11
N PRO A 47 0.80 14.72 -29.87
CA PRO A 47 1.96 15.27 -29.16
C PRO A 47 3.03 14.24 -28.84
N SER A 48 2.68 12.97 -28.72
CA SER A 48 3.65 11.95 -28.33
C SER A 48 4.41 11.37 -29.51
N GLU A 49 4.06 11.74 -30.74
CA GLU A 49 4.69 11.19 -31.94
C GLU A 49 5.73 12.14 -32.53
N ARG A 50 6.34 12.99 -31.70
CA ARG A 50 7.37 13.91 -32.15
C ARG A 50 8.72 13.22 -32.09
N GLY A 51 9.64 13.66 -32.97
CA GLY A 51 10.99 13.14 -32.93
C GLY A 51 11.65 13.35 -31.58
N LEU A 52 11.56 14.57 -31.05
CA LEU A 52 12.08 14.90 -29.73
C LEU A 52 10.96 15.55 -28.92
N VAL A 53 10.47 14.84 -27.92
CA VAL A 53 9.41 15.34 -27.05
C VAL A 53 10.04 16.16 -25.94
N ARG A 54 9.57 17.41 -25.79
CA ARG A 54 10.09 18.28 -24.74
C ARG A 54 8.94 18.74 -23.84
N GLN A 55 8.32 17.79 -23.14
CA GLN A 55 7.21 18.10 -22.26
C GLN A 55 7.57 19.18 -21.25
N GLU A 56 8.83 19.18 -20.78
CA GLU A 56 9.23 20.08 -19.70
C GLU A 56 9.10 21.54 -20.12
N GLU A 57 9.30 21.85 -21.40
CA GLU A 57 9.20 23.22 -21.87
C GLU A 57 7.78 23.77 -21.82
N ALA A 58 6.79 22.92 -21.58
CA ALA A 58 5.41 23.36 -21.48
C ALA A 58 4.99 23.68 -20.05
N GLU A 59 5.85 23.43 -19.06
CA GLU A 59 5.49 23.69 -17.67
C GLU A 59 5.31 25.18 -17.44
N ASP A 60 4.28 25.52 -16.68
CA ASP A 60 4.01 26.91 -16.29
C ASP A 60 3.40 26.90 -14.90
N PRO A 61 4.22 26.82 -13.85
CA PRO A 61 3.68 26.77 -12.48
C PRO A 61 2.78 27.94 -12.14
N ALA A 62 2.79 29.01 -12.93
CA ALA A 62 1.92 30.15 -12.67
C ALA A 62 0.44 29.85 -12.98
N CYS A 63 0.15 28.74 -13.67
CA CYS A 63 -1.22 28.37 -13.99
C CYS A 63 -1.77 27.30 -13.05
N ILE A 64 -1.11 27.06 -11.93
CA ILE A 64 -1.55 26.02 -11.00
C ILE A 64 -2.97 26.34 -10.53
N PRO A 65 -3.90 25.38 -10.56
CA PRO A 65 -5.28 25.70 -10.15
C PRO A 65 -5.36 26.21 -8.72
N ILE A 66 -6.41 26.99 -8.46
CA ILE A 66 -6.71 27.41 -7.09
C ILE A 66 -7.57 26.38 -6.37
N PHE A 67 -8.32 25.56 -7.10
CA PHE A 67 -9.25 24.60 -6.51
C PHE A 67 -9.17 23.26 -7.22
N TRP A 68 -9.28 22.19 -6.45
CA TRP A 68 -9.43 20.85 -7.01
C TRP A 68 -10.05 19.98 -5.91
N VAL A 69 -10.65 18.88 -6.33
CA VAL A 69 -11.25 17.93 -5.40
C VAL A 69 -10.15 17.11 -4.75
N SER A 70 -10.01 17.23 -3.43
CA SER A 70 -9.02 16.49 -2.69
C SER A 70 -9.54 15.15 -2.17
N LYS A 71 -10.86 15.05 -1.97
CA LYS A 71 -11.49 13.85 -1.46
C LYS A 71 -12.90 13.77 -2.02
N TRP A 72 -13.42 12.55 -2.09
CA TRP A 72 -14.81 12.37 -2.51
C TRP A 72 -15.35 11.06 -1.98
N VAL A 73 -16.66 11.02 -1.77
CA VAL A 73 -17.35 9.86 -1.23
C VAL A 73 -18.63 9.65 -2.06
N ASP A 74 -18.73 8.50 -2.73
CA ASP A 74 -19.85 8.20 -3.60
C ASP A 74 -20.87 7.38 -2.81
N TYR A 75 -21.85 8.09 -2.24
CA TYR A 75 -22.99 7.48 -1.56
C TYR A 75 -24.26 7.66 -2.38
N SER A 76 -24.12 7.74 -3.70
CA SER A 76 -25.25 8.11 -4.56
C SER A 76 -26.41 7.14 -4.46
N ASP A 77 -26.18 5.92 -3.96
CA ASP A 77 -27.27 4.98 -3.76
C ASP A 77 -28.24 5.42 -2.68
N LYS A 78 -27.82 6.31 -1.78
CA LYS A 78 -28.67 6.76 -0.69
C LYS A 78 -28.78 8.28 -0.61
N TYR A 79 -27.67 8.96 -0.38
CA TYR A 79 -27.67 10.40 -0.12
C TYR A 79 -27.16 11.22 -1.30
N GLY A 80 -26.03 10.86 -1.86
CA GLY A 80 -25.42 11.63 -2.93
C GLY A 80 -23.91 11.45 -2.91
N LEU A 81 -23.21 12.46 -3.41
CA LEU A 81 -21.75 12.45 -3.48
C LEU A 81 -21.21 13.61 -2.67
N GLY A 82 -20.43 13.29 -1.63
CA GLY A 82 -19.74 14.29 -0.84
C GLY A 82 -18.31 14.42 -1.30
N TYR A 83 -17.73 15.60 -1.09
CA TYR A 83 -16.39 15.87 -1.57
C TYR A 83 -15.75 16.96 -0.73
N GLN A 84 -14.42 16.99 -0.77
CA GLN A 84 -13.63 18.03 -0.13
C GLN A 84 -12.82 18.74 -1.21
N LEU A 85 -12.71 20.05 -1.09
CA LEU A 85 -11.83 20.83 -1.96
C LEU A 85 -10.49 21.04 -1.26
N CYS A 86 -9.51 21.53 -2.03
CA CYS A 86 -8.16 21.64 -1.51
C CYS A 86 -8.03 22.66 -0.38
N ASP A 87 -9.01 23.55 -0.22
CA ASP A 87 -9.03 24.49 0.88
C ASP A 87 -9.71 23.93 2.12
N ASN A 88 -10.03 22.64 2.12
CA ASN A 88 -10.66 21.91 3.22
C ASN A 88 -12.13 22.25 3.37
N SER A 89 -12.71 23.07 2.48
CA SER A 89 -14.15 23.17 2.41
C SER A 89 -14.73 21.86 1.88
N VAL A 90 -15.97 21.57 2.27
CA VAL A 90 -16.63 20.34 1.87
C VAL A 90 -17.98 20.68 1.25
N GLY A 91 -18.41 19.81 0.32
CA GLY A 91 -19.71 19.96 -0.29
C GLY A 91 -20.34 18.61 -0.52
N VAL A 92 -21.64 18.63 -0.73
CA VAL A 92 -22.41 17.43 -1.05
C VAL A 92 -23.37 17.76 -2.17
N LEU A 93 -23.38 16.95 -3.21
CA LEU A 93 -24.35 17.05 -4.29
C LEU A 93 -25.41 15.98 -4.00
N PHE A 94 -26.48 16.39 -3.32
CA PHE A 94 -27.50 15.45 -2.91
C PHE A 94 -28.22 14.89 -4.13
N ASN A 95 -28.93 13.78 -3.92
CA ASN A 95 -29.64 13.12 -5.00
C ASN A 95 -30.86 13.89 -5.48
N ASP A 96 -31.28 14.94 -4.76
CA ASP A 96 -32.39 15.77 -5.19
C ASP A 96 -31.94 16.98 -6.00
N SER A 97 -30.67 17.02 -6.41
CA SER A 97 -30.09 18.04 -7.27
C SER A 97 -29.75 19.32 -6.52
N THR A 98 -29.89 19.36 -5.20
CA THR A 98 -29.41 20.49 -4.42
C THR A 98 -27.99 20.22 -3.94
N ARG A 99 -27.30 21.29 -3.56
CA ARG A 99 -25.93 21.23 -3.10
C ARG A 99 -25.77 22.06 -1.83
N LEU A 100 -25.02 21.51 -0.87
CA LEU A 100 -24.73 22.20 0.38
C LEU A 100 -23.22 22.24 0.57
N ILE A 101 -22.69 23.42 0.82
CA ILE A 101 -21.25 23.64 0.99
C ILE A 101 -20.99 24.14 2.40
N LEU A 102 -19.92 23.64 3.01
CA LEU A 102 -19.46 24.08 4.31
C LEU A 102 -18.06 24.67 4.13
N TYR A 103 -17.96 26.00 4.24
CA TYR A 103 -16.67 26.66 4.09
C TYR A 103 -15.70 26.13 5.15
N ASN A 104 -14.41 26.43 4.94
CA ASN A 104 -13.38 25.92 5.83
C ASN A 104 -13.41 26.55 7.21
N ASP A 105 -14.22 27.59 7.42
CA ASP A 105 -14.41 28.12 8.76
C ASP A 105 -15.23 27.19 9.65
N GLY A 106 -15.89 26.19 9.06
CA GLY A 106 -16.63 25.21 9.82
C GLY A 106 -18.02 25.62 10.24
N ASP A 107 -18.52 26.77 9.76
CA ASP A 107 -19.84 27.24 10.17
C ASP A 107 -20.59 27.86 8.99
N SER A 108 -19.89 28.64 8.17
CA SER A 108 -20.52 29.26 7.02
C SER A 108 -20.99 28.20 6.03
N LEU A 109 -22.11 28.48 5.37
CA LEU A 109 -22.73 27.53 4.46
C LEU A 109 -23.23 28.25 3.22
N GLN A 110 -23.15 27.56 2.08
CA GLN A 110 -23.73 28.01 0.82
C GLN A 110 -24.68 26.93 0.33
N TYR A 111 -25.93 27.30 0.08
CA TYR A 111 -26.96 26.37 -0.39
C TYR A 111 -27.32 26.71 -1.82
N ILE A 112 -27.23 25.72 -2.70
CA ILE A 112 -27.55 25.87 -4.11
C ILE A 112 -28.77 25.01 -4.41
N GLU A 113 -29.86 25.65 -4.80
CA GLU A 113 -31.10 24.94 -5.09
C GLU A 113 -31.04 24.32 -6.48
N ARG A 114 -32.11 23.61 -6.85
CA ARG A 114 -32.14 22.90 -8.12
C ARG A 114 -31.85 23.84 -9.29
N ASP A 115 -32.56 24.97 -9.34
CA ASP A 115 -32.43 25.90 -10.46
C ASP A 115 -31.17 26.75 -10.38
N GLY A 116 -30.28 26.49 -9.43
CA GLY A 116 -29.02 27.20 -9.33
C GLY A 116 -29.01 28.37 -8.38
N THR A 117 -30.16 28.73 -7.80
CA THR A 117 -30.21 29.84 -6.86
C THR A 117 -29.30 29.58 -5.67
N GLU A 118 -28.55 30.60 -5.28
CA GLU A 118 -27.59 30.51 -4.20
C GLU A 118 -28.07 31.32 -2.99
N SER A 119 -27.92 30.72 -1.80
CA SER A 119 -28.22 31.41 -0.55
C SER A 119 -27.11 31.11 0.43
N TYR A 120 -26.94 32.01 1.41
CA TYR A 120 -25.84 31.94 2.36
C TYR A 120 -26.39 31.98 3.78
N LEU A 121 -25.82 31.14 4.64
CA LEU A 121 -26.34 30.92 5.99
C LEU A 121 -25.22 30.31 6.82
N THR A 122 -25.57 29.86 8.03
CA THR A 122 -24.59 29.28 8.94
C THR A 122 -25.21 28.07 9.64
N VAL A 123 -24.34 27.19 10.13
CA VAL A 123 -24.81 26.09 10.99
C VAL A 123 -25.30 26.66 12.32
N SER A 124 -24.76 27.80 12.74
CA SER A 124 -25.14 28.37 14.02
C SER A 124 -26.57 28.92 13.98
N SER A 125 -26.95 29.56 12.89
CA SER A 125 -28.29 30.13 12.79
C SER A 125 -29.38 29.06 12.95
N HIS A 126 -29.04 27.81 12.74
CA HIS A 126 -29.98 26.70 12.93
CA HIS A 126 -29.98 26.70 12.93
C HIS A 126 -31.18 26.84 12.01
N PRO A 127 -30.99 26.82 10.68
CA PRO A 127 -32.15 26.86 9.77
C PRO A 127 -32.80 25.50 9.71
N ASN A 128 -34.05 25.42 10.18
CA ASN A 128 -34.64 24.12 10.47
C ASN A 128 -34.87 23.29 9.21
N SER A 129 -35.19 23.94 8.09
CA SER A 129 -35.45 23.19 6.86
C SER A 129 -34.21 22.49 6.32
N LEU A 130 -33.01 22.90 6.76
CA LEU A 130 -31.77 22.34 6.27
C LEU A 130 -31.03 21.51 7.31
N MET A 131 -31.65 21.24 8.46
CA MET A 131 -30.96 20.49 9.51
C MET A 131 -30.52 19.12 9.02
N LYS A 132 -31.41 18.40 8.35
CA LYS A 132 -31.07 17.05 7.91
C LYS A 132 -29.93 17.06 6.88
N LYS A 133 -29.94 18.03 5.97
CA LYS A 133 -28.86 18.11 4.99
C LYS A 133 -27.56 18.54 5.63
N ILE A 134 -27.62 19.37 6.68
CA ILE A 134 -26.41 19.74 7.41
C ILE A 134 -25.83 18.51 8.11
N THR A 135 -26.68 17.71 8.74
CA THR A 135 -26.21 16.52 9.44
C THR A 135 -25.54 15.54 8.47
N LEU A 136 -26.16 15.31 7.32
CA LEU A 136 -25.55 14.42 6.33
C LEU A 136 -24.20 14.95 5.87
N LEU A 137 -24.12 16.26 5.61
CA LEU A 137 -22.86 16.84 5.16
C LEU A 137 -21.76 16.60 6.19
N LYS A 138 -22.08 16.75 7.48
CA LYS A 138 -21.07 16.55 8.51
C LYS A 138 -20.62 15.09 8.59
N TYR A 139 -21.52 14.15 8.30
CA TYR A 139 -21.12 12.75 8.20
C TYR A 139 -20.13 12.56 7.05
N PHE A 140 -20.45 13.14 5.88
CA PHE A 140 -19.49 13.10 4.77
C PHE A 140 -18.17 13.71 5.18
N ARG A 141 -18.20 14.88 5.83
CA ARG A 141 -16.97 15.55 6.24
C ARG A 141 -16.18 14.68 7.21
N ASN A 142 -16.85 14.14 8.23
CA ASN A 142 -16.14 13.32 9.22
C ASN A 142 -15.59 12.05 8.58
N TYR A 143 -16.36 11.42 7.70
CA TYR A 143 -15.88 10.20 7.04
C TYR A 143 -14.64 10.48 6.21
N MET A 144 -14.59 11.64 5.54
CA MET A 144 -13.45 11.96 4.68
C MET A 144 -12.21 12.26 5.51
N SER A 145 -12.35 13.08 6.56
CA SER A 145 -11.20 13.42 7.38
C SER A 145 -10.68 12.21 8.14
N GLU A 146 -11.53 11.22 8.39
CA GLU A 146 -11.15 10.07 9.20
C GLU A 146 -10.55 8.94 8.38
N HIS A 147 -10.96 8.78 7.12
CA HIS A 147 -10.62 7.60 6.34
C HIS A 147 -9.83 7.88 5.07
N LEU A 148 -9.88 9.08 4.52
CA LEU A 148 -9.44 9.32 3.15
C LEU A 148 -8.21 10.22 3.09
N LEU A 149 -7.38 9.97 2.09
CA LEU A 149 -6.17 10.73 1.86
C LEU A 149 -6.49 12.01 1.08
N LYS A 150 -5.77 13.08 1.40
CA LYS A 150 -6.00 14.38 0.77
C LYS A 150 -5.11 14.49 -0.47
N ALA A 151 -5.75 14.52 -1.64
CA ALA A 151 -5.00 14.66 -2.89
C ALA A 151 -4.48 16.08 -3.05
N GLY A 152 -3.27 16.19 -3.59
CA GLY A 152 -2.67 17.50 -3.79
C GLY A 152 -2.19 18.17 -2.52
N ALA A 153 -1.99 17.41 -1.44
CA ALA A 153 -1.59 18.00 -0.18
C ALA A 153 -0.18 18.58 -0.23
N ASN A 154 0.63 18.17 -1.21
CA ASN A 154 2.02 18.60 -1.30
C ASN A 154 2.21 19.86 -2.12
N ILE A 155 1.13 20.58 -2.43
CA ILE A 155 1.21 21.72 -3.33
C ILE A 155 0.28 22.83 -2.85
N THR A 156 0.62 24.06 -3.25
CA THR A 156 -0.11 25.25 -2.84
C THR A 156 -0.87 25.84 -4.01
N PRO A 157 -2.18 26.11 -3.87
CA PRO A 157 -2.92 26.73 -4.98
C PRO A 157 -2.38 28.09 -5.37
N ARG A 158 -3.04 28.76 -6.30
CA ARG A 158 -2.50 30.00 -6.89
C ARG A 158 -2.68 31.20 -5.96
N GLU A 159 -3.91 31.48 -5.56
CA GLU A 159 -4.22 32.68 -4.78
C GLU A 159 -5.03 32.27 -3.54
N GLY A 160 -5.34 33.26 -2.71
CA GLY A 160 -5.99 33.04 -1.44
C GLY A 160 -7.51 33.07 -1.53
N ASP A 161 -8.14 33.06 -0.35
CA ASP A 161 -9.59 32.98 -0.28
C ASP A 161 -10.26 34.19 -0.93
N GLU A 162 -9.76 35.39 -0.66
CA GLU A 162 -10.41 36.60 -1.15
C GLU A 162 -10.59 36.56 -2.66
N LEU A 163 -9.52 36.21 -3.38
CA LEU A 163 -9.59 36.12 -4.83
C LEU A 163 -10.31 34.86 -5.31
N ALA A 164 -10.69 33.98 -4.39
CA ALA A 164 -11.18 32.65 -4.72
C ALA A 164 -12.64 32.52 -4.32
N ARG A 165 -13.54 32.71 -5.28
CA ARG A 165 -14.94 32.36 -5.08
C ARG A 165 -15.08 30.85 -5.05
N LEU A 166 -15.67 30.33 -3.98
CA LEU A 166 -15.71 28.89 -3.78
C LEU A 166 -16.58 28.22 -4.85
N PRO A 167 -16.04 27.33 -5.68
CA PRO A 167 -16.87 26.64 -6.67
C PRO A 167 -17.63 25.49 -6.03
N TYR A 168 -18.55 24.93 -6.80
CA TYR A 168 -19.30 23.77 -6.37
C TYR A 168 -19.31 22.71 -7.47
N LEU A 169 -19.55 21.47 -7.06
CA LEU A 169 -19.61 20.35 -7.99
C LEU A 169 -20.91 20.45 -8.79
N ARG A 170 -20.78 20.70 -10.09
CA ARG A 170 -21.95 20.85 -10.94
C ARG A 170 -22.48 19.49 -11.40
N THR A 171 -21.59 18.62 -11.85
CA THR A 171 -21.99 17.28 -12.27
C THR A 171 -20.77 16.36 -12.18
N TRP A 172 -21.05 15.06 -12.20
CA TRP A 172 -20.01 14.05 -12.08
C TRP A 172 -20.55 12.74 -12.61
N PHE A 173 -19.64 11.84 -12.98
CA PHE A 173 -20.00 10.49 -13.33
C PHE A 173 -18.77 9.61 -13.22
N ARG A 174 -19.01 8.31 -13.07
CA ARG A 174 -17.97 7.31 -12.89
C ARG A 174 -17.92 6.40 -14.10
N THR A 175 -16.71 6.12 -14.58
CA THR A 175 -16.48 5.20 -15.68
C THR A 175 -15.70 3.99 -15.18
N ARG A 176 -15.40 3.08 -16.10
CA ARG A 176 -14.55 1.93 -15.77
C ARG A 176 -13.21 2.39 -15.19
N SER A 177 -12.64 3.45 -15.77
CA SER A 177 -11.26 3.82 -15.48
C SER A 177 -11.11 5.04 -14.59
N ALA A 178 -12.16 5.84 -14.38
CA ALA A 178 -11.97 7.09 -13.66
C ALA A 178 -13.31 7.64 -13.19
N ILE A 179 -13.22 8.62 -12.30
CA ILE A 179 -14.35 9.46 -11.92
C ILE A 179 -14.12 10.83 -12.51
N ILE A 180 -15.18 11.41 -13.08
CA ILE A 180 -15.12 12.70 -13.77
C ILE A 180 -15.87 13.72 -12.93
N LEU A 181 -15.24 14.85 -12.65
CA LEU A 181 -15.78 15.86 -11.75
C LEU A 181 -15.74 17.22 -12.42
N HIS A 182 -16.91 17.81 -12.65
CA HIS A 182 -17.05 19.10 -13.33
C HIS A 182 -17.45 20.14 -12.30
N LEU A 183 -16.55 21.08 -12.03
CA LEU A 183 -16.81 22.15 -11.07
C LEU A 183 -17.46 23.34 -11.75
N SER A 184 -18.13 24.17 -10.95
CA SER A 184 -18.91 25.27 -11.49
C SER A 184 -18.04 26.36 -12.10
N ASN A 185 -16.74 26.39 -11.81
CA ASN A 185 -15.84 27.39 -12.39
C ASN A 185 -15.31 26.97 -13.75
N GLY A 186 -15.78 25.86 -14.31
CA GLY A 186 -15.32 25.37 -15.60
C GLY A 186 -14.26 24.31 -15.53
N SER A 187 -13.64 24.10 -14.37
CA SER A 187 -12.60 23.09 -14.27
C SER A 187 -13.21 21.69 -14.38
N VAL A 188 -12.45 20.79 -15.00
CA VAL A 188 -12.83 19.38 -15.11
C VAL A 188 -11.70 18.55 -14.55
N GLN A 189 -11.98 17.77 -13.51
CA GLN A 189 -10.99 16.90 -12.87
C GLN A 189 -11.31 15.45 -13.21
N ILE A 190 -10.26 14.67 -13.42
CA ILE A 190 -10.39 13.26 -13.76
C ILE A 190 -9.40 12.47 -12.92
N ASN A 191 -9.91 11.61 -12.03
CA ASN A 191 -9.10 10.75 -11.18
C ASN A 191 -9.16 9.33 -11.72
N PHE A 192 -8.00 8.76 -12.06
CA PHE A 192 -7.93 7.41 -12.59
C PHE A 192 -7.76 6.42 -11.43
N PHE A 193 -8.64 5.42 -11.38
CA PHE A 193 -8.60 4.45 -10.30
C PHE A 193 -7.34 3.60 -10.35
N GLN A 194 -6.96 3.15 -11.55
CA GLN A 194 -5.94 2.12 -11.68
C GLN A 194 -4.63 2.53 -11.01
N ASP A 195 -4.15 3.74 -11.29
CA ASP A 195 -2.82 4.16 -10.87
C ASP A 195 -2.83 5.44 -10.03
N HIS A 196 -4.00 5.94 -9.65
CA HIS A 196 -4.14 7.13 -8.82
C HIS A 196 -3.68 8.40 -9.52
N THR A 197 -3.45 8.35 -10.83
CA THR A 197 -3.11 9.56 -11.57
C THR A 197 -4.35 10.41 -11.76
N LYS A 198 -4.13 11.72 -11.88
CA LYS A 198 -5.25 12.66 -11.92
C LYS A 198 -4.93 13.81 -12.86
N LEU A 199 -5.98 14.32 -13.50
CA LEU A 199 -5.91 15.50 -14.35
C LEU A 199 -6.83 16.58 -13.81
N ILE A 200 -6.36 17.82 -13.85
CA ILE A 200 -7.16 18.99 -13.49
C ILE A 200 -7.06 19.95 -14.68
N LEU A 201 -8.15 20.08 -15.44
CA LEU A 201 -8.17 20.89 -16.64
C LEU A 201 -8.86 22.21 -16.35
N CYS A 202 -8.20 23.31 -16.71
CA CYS A 202 -8.77 24.65 -16.53
C CYS A 202 -8.94 25.30 -17.90
N PRO A 203 -10.17 25.48 -18.38
CA PRO A 203 -10.35 26.11 -19.70
C PRO A 203 -10.04 27.60 -19.70
N LEU A 204 -10.13 28.27 -18.55
CA LEU A 204 -9.82 29.69 -18.49
C LEU A 204 -8.34 29.94 -18.75
N MET A 205 -7.47 29.10 -18.20
CA MET A 205 -6.05 29.21 -18.41
C MET A 205 -5.55 28.37 -19.58
N ALA A 206 -6.41 27.57 -20.19
CA ALA A 206 -6.00 26.63 -21.24
C ALA A 206 -4.82 25.80 -20.76
N ALA A 207 -4.96 25.25 -19.55
CA ALA A 207 -3.89 24.52 -18.89
C ALA A 207 -4.44 23.20 -18.37
N VAL A 208 -3.51 22.30 -18.07
CA VAL A 208 -3.83 21.00 -17.48
C VAL A 208 -2.76 20.71 -16.43
N THR A 209 -3.20 20.34 -15.22
CA THR A 209 -2.30 19.89 -14.17
C THR A 209 -2.38 18.36 -14.11
N TYR A 210 -1.21 17.72 -14.08
CA TYR A 210 -1.12 16.27 -14.08
C TYR A 210 -0.45 15.80 -12.80
N ILE A 211 -1.10 14.87 -12.11
CA ILE A 211 -0.57 14.23 -10.91
C ILE A 211 -0.26 12.79 -11.29
N ASP A 212 1.02 12.44 -11.27
CA ASP A 212 1.43 11.11 -11.67
C ASP A 212 1.36 10.15 -10.50
N GLU A 213 1.73 8.88 -10.76
CA GLU A 213 1.65 7.85 -9.73
CA GLU A 213 1.65 7.85 -9.73
C GLU A 213 2.45 8.23 -8.49
N LYS A 214 3.54 8.99 -8.67
CA LYS A 214 4.38 9.40 -7.55
C LYS A 214 3.79 10.58 -6.78
N ARG A 215 2.71 11.17 -7.26
CA ARG A 215 2.07 12.35 -6.70
C ARG A 215 2.82 13.63 -7.01
N ASP A 216 3.72 13.60 -8.00
CA ASP A 216 4.36 14.82 -8.46
C ASP A 216 3.35 15.64 -9.27
N PHE A 217 3.39 16.96 -9.11
N PHE A 217 3.41 16.96 -9.10
CA PHE A 217 2.40 17.83 -9.71
CA PHE A 217 2.45 17.92 -9.63
C PHE A 217 3.08 18.74 -10.71
C PHE A 217 3.13 18.73 -10.73
N ARG A 218 2.47 18.87 -11.88
CA ARG A 218 2.98 19.71 -12.96
C ARG A 218 1.80 20.35 -13.68
N THR A 219 1.90 21.64 -13.95
CA THR A 219 0.89 22.38 -14.71
C THR A 219 1.48 22.80 -16.04
N TYR A 220 0.76 22.52 -17.12
CA TYR A 220 1.23 22.78 -18.48
C TYR A 220 0.23 23.65 -19.22
N ARG A 221 0.76 24.49 -20.11
CA ARG A 221 -0.07 25.17 -21.09
C ARG A 221 -0.35 24.22 -22.24
N LEU A 222 -1.63 24.00 -22.55
CA LEU A 222 -1.97 23.07 -23.61
C LEU A 222 -1.37 23.50 -24.94
N SER A 223 -1.33 24.82 -25.20
CA SER A 223 -0.72 25.32 -26.42
C SER A 223 0.75 24.95 -26.50
N LEU A 224 1.45 24.88 -25.36
CA LEU A 224 2.86 24.52 -25.39
C LEU A 224 3.06 23.02 -25.51
N LEU A 225 2.16 22.21 -24.94
CA LEU A 225 2.22 20.77 -25.18
C LEU A 225 2.07 20.48 -26.66
N GLU A 226 1.17 21.20 -27.34
CA GLU A 226 1.03 21.05 -28.78
C GLU A 226 2.32 21.38 -29.50
N GLU A 227 3.00 22.44 -29.07
CA GLU A 227 4.22 22.88 -29.76
C GLU A 227 5.39 21.97 -29.47
N TYR A 228 5.57 21.57 -28.21
CA TYR A 228 6.75 20.81 -27.80
C TYR A 228 6.48 19.32 -27.60
N GLY A 229 5.21 18.91 -27.56
CA GLY A 229 4.89 17.50 -27.37
C GLY A 229 4.84 17.12 -25.90
N CYS A 230 4.48 15.85 -25.68
CA CYS A 230 4.43 15.30 -24.32
C CYS A 230 4.52 13.79 -24.42
N CYS A 231 4.81 13.17 -23.28
CA CYS A 231 4.97 11.72 -23.23
C CYS A 231 3.64 11.02 -23.53
N LYS A 232 3.73 9.71 -23.73
CA LYS A 232 2.55 8.94 -24.12
C LYS A 232 1.52 8.84 -23.00
N GLU A 233 1.98 8.79 -21.75
CA GLU A 233 1.05 8.67 -20.63
C GLU A 233 0.13 9.88 -20.56
N LEU A 234 0.69 11.09 -20.62
CA LEU A 234 -0.14 12.28 -20.61
C LEU A 234 -0.95 12.40 -21.89
N ALA A 235 -0.34 12.09 -23.03
CA ALA A 235 -1.05 12.19 -24.31
C ALA A 235 -2.30 11.31 -24.30
N SER A 236 -2.17 10.07 -23.83
CA SER A 236 -3.33 9.18 -23.81
C SER A 236 -4.36 9.64 -22.80
N ARG A 237 -3.92 10.17 -21.66
CA ARG A 237 -4.88 10.68 -20.68
C ARG A 237 -5.54 11.95 -21.19
N LEU A 238 -4.87 12.72 -22.04
CA LEU A 238 -5.51 13.87 -22.67
C LEU A 238 -6.51 13.43 -23.75
N ARG A 239 -6.25 12.32 -24.42
CA ARG A 239 -7.26 11.78 -25.33
C ARG A 239 -8.47 11.29 -24.55
N TYR A 240 -8.24 10.61 -23.42
CA TYR A 240 -9.34 10.24 -22.54
C TYR A 240 -10.12 11.46 -22.08
N ALA A 241 -9.42 12.53 -21.70
CA ALA A 241 -10.10 13.74 -21.25
C ALA A 241 -11.04 14.28 -22.32
N ARG A 242 -10.60 14.27 -23.58
CA ARG A 242 -11.45 14.78 -24.65
C ARG A 242 -12.71 13.94 -24.79
N THR A 243 -12.59 12.62 -24.70
CA THR A 243 -13.77 11.75 -24.75
C THR A 243 -14.73 12.09 -23.62
N MET A 244 -14.21 12.39 -22.43
CA MET A 244 -15.07 12.70 -21.29
C MET A 244 -15.72 14.07 -21.43
N VAL A 245 -15.04 15.02 -22.08
CA VAL A 245 -15.63 16.34 -22.29
C VAL A 245 -16.76 16.26 -23.32
N ASP A 246 -16.56 15.47 -24.38
CA ASP A 246 -17.66 15.19 -25.29
C ASP A 246 -18.85 14.59 -24.56
N LYS A 247 -18.59 13.64 -23.65
CA LYS A 247 -19.67 13.05 -22.87
C LYS A 247 -20.37 14.10 -22.02
N LEU A 248 -19.61 14.97 -21.35
CA LEU A 248 -20.22 16.05 -20.59
C LEU A 248 -21.08 16.93 -21.47
N LEU A 249 -20.63 17.21 -22.69
CA LEU A 249 -21.39 18.09 -23.58
C LEU A 249 -22.64 17.41 -24.10
N SER A 250 -22.58 16.10 -24.37
CA SER A 250 -23.75 15.40 -24.88
C SER A 250 -24.80 15.22 -23.80
N SER A 251 -24.38 15.02 -22.54
CA SER A 251 -25.34 14.91 -21.45
C SER A 251 -26.11 16.21 -21.22
N ARG A 252 -25.62 17.33 -21.76
CA ARG A 252 -26.34 18.60 -21.65
C ARG A 252 -27.33 18.77 -22.81
N SER A 253 -28.22 17.80 -22.95
CA SER A 253 -29.23 17.83 -24.00
C SER A 253 -30.54 17.22 -23.52
N ASP B 29 3.88 -26.40 21.63
CA ASP B 29 3.50 -27.62 20.92
C ASP B 29 4.63 -28.65 21.02
N CYS B 30 4.45 -29.79 20.33
CA CYS B 30 5.41 -30.88 20.45
C CYS B 30 6.67 -30.64 19.62
N HIS B 31 6.56 -29.88 18.53
CA HIS B 31 7.74 -29.62 17.71
C HIS B 31 8.77 -28.81 18.48
N LEU B 32 8.32 -27.80 19.24
CA LEU B 32 9.25 -27.04 20.07
C LEU B 32 9.85 -27.92 21.16
N SER B 33 9.08 -28.88 21.68
CA SER B 33 9.60 -29.78 22.70
C SER B 33 10.69 -30.67 22.13
N ASP B 34 10.45 -31.25 20.95
CA ASP B 34 11.47 -32.07 20.30
C ASP B 34 12.74 -31.25 20.05
N MET B 35 12.58 -30.03 19.54
CA MET B 35 13.75 -29.19 19.27
C MET B 35 14.52 -28.90 20.55
N LEU B 36 13.81 -28.60 21.64
CA LEU B 36 14.48 -28.30 22.90
C LEU B 36 15.29 -29.51 23.37
N GLN B 37 14.75 -30.71 23.23
CA GLN B 37 15.48 -31.91 23.61
C GLN B 37 16.69 -32.12 22.71
N GLN B 38 16.55 -31.85 21.41
CA GLN B 38 17.68 -31.98 20.50
C GLN B 38 18.77 -30.96 20.82
N LEU B 39 18.38 -29.70 21.08
CA LEU B 39 19.36 -28.68 21.39
C LEU B 39 20.03 -28.93 22.74
N HIS B 40 19.25 -29.37 23.73
CA HIS B 40 19.83 -29.71 25.02
C HIS B 40 20.86 -30.83 24.89
N SER B 41 20.55 -31.83 24.06
CA SER B 41 21.45 -32.97 23.91
C SER B 41 22.77 -32.54 23.27
N VAL B 42 22.71 -31.76 22.19
CA VAL B 42 23.92 -31.37 21.50
C VAL B 42 24.74 -30.41 22.35
N ASN B 43 24.09 -29.43 22.98
CA ASN B 43 24.82 -28.49 23.83
C ASN B 43 25.46 -29.21 25.01
N ALA B 44 24.74 -30.16 25.60
CA ALA B 44 25.29 -30.92 26.72
C ALA B 44 26.55 -31.68 26.35
N SER B 45 26.75 -31.96 25.07
CA SER B 45 27.96 -32.66 24.63
C SER B 45 29.15 -31.74 24.44
N LYS B 46 28.95 -30.42 24.53
CA LYS B 46 30.03 -29.45 24.36
C LYS B 46 30.80 -29.77 23.08
N PRO B 47 30.17 -29.57 21.91
CA PRO B 47 30.79 -30.03 20.66
C PRO B 47 32.03 -29.27 20.25
N SER B 48 32.26 -28.06 20.78
CA SER B 48 33.43 -27.29 20.42
C SER B 48 34.59 -27.49 21.39
N GLU B 49 34.38 -28.19 22.49
CA GLU B 49 35.43 -28.45 23.47
C GLU B 49 35.95 -29.88 23.29
N ARG B 50 36.57 -30.11 22.14
CA ARG B 50 37.09 -31.42 21.78
C ARG B 50 38.55 -31.31 21.37
N GLY B 51 39.31 -32.38 21.62
CA GLY B 51 40.68 -32.43 21.14
C GLY B 51 40.77 -32.38 19.63
N LEU B 52 39.76 -32.90 18.95
CA LEU B 52 39.69 -32.85 17.49
C LEU B 52 38.25 -32.66 17.06
N VAL B 53 38.04 -31.77 16.09
CA VAL B 53 36.72 -31.47 15.55
C VAL B 53 36.71 -31.90 14.09
N ARG B 54 35.65 -32.63 13.70
CA ARG B 54 35.45 -33.06 12.32
C ARG B 54 34.03 -32.66 11.89
N GLN B 55 33.79 -31.35 11.86
CA GLN B 55 32.45 -30.82 11.59
C GLN B 55 31.90 -31.33 10.27
N GLU B 56 32.76 -31.38 9.24
CA GLU B 56 32.31 -31.84 7.93
C GLU B 56 31.67 -33.22 7.99
N GLU B 57 32.13 -34.09 8.89
CA GLU B 57 31.56 -35.43 8.98
C GLU B 57 30.11 -35.41 9.47
N ALA B 58 29.68 -34.33 10.11
CA ALA B 58 28.31 -34.21 10.59
C ALA B 58 27.36 -33.63 9.55
N GLU B 59 27.86 -33.30 8.36
CA GLU B 59 27.01 -32.76 7.31
C GLU B 59 26.11 -33.84 6.74
N ASP B 60 24.89 -33.45 6.36
CA ASP B 60 23.95 -34.37 5.72
C ASP B 60 23.10 -33.56 4.76
N PRO B 61 23.50 -33.49 3.48
CA PRO B 61 22.71 -32.70 2.52
C PRO B 61 21.33 -33.27 2.23
N ALA B 62 20.97 -34.40 2.84
CA ALA B 62 19.62 -34.92 2.70
C ALA B 62 18.62 -34.14 3.54
N CYS B 63 19.10 -33.33 4.49
CA CYS B 63 18.24 -32.60 5.40
C CYS B 63 18.16 -31.11 5.06
N ILE B 64 18.55 -30.72 3.86
CA ILE B 64 18.43 -29.31 3.50
C ILE B 64 16.96 -28.90 3.55
N PRO B 65 16.60 -27.81 4.21
CA PRO B 65 15.19 -27.48 4.37
C PRO B 65 14.53 -27.11 3.04
N ILE B 66 13.21 -27.24 3.02
CA ILE B 66 12.43 -26.81 1.86
C ILE B 66 12.07 -25.33 1.96
N PHE B 67 11.84 -24.83 3.16
CA PHE B 67 11.31 -23.48 3.38
C PHE B 67 12.13 -22.76 4.43
N TRP B 68 12.36 -21.47 4.19
CA TRP B 68 12.95 -20.58 5.19
C TRP B 68 12.60 -19.15 4.83
N VAL B 69 12.79 -18.25 5.79
CA VAL B 69 12.46 -16.84 5.59
C VAL B 69 13.64 -16.16 4.91
N SER B 70 13.40 -15.61 3.72
CA SER B 70 14.43 -14.93 2.95
C SER B 70 14.43 -13.42 3.15
N LYS B 71 13.29 -12.83 3.50
CA LYS B 71 13.22 -11.40 3.74
C LYS B 71 12.17 -11.14 4.81
N TRP B 72 12.29 -9.99 5.48
CA TRP B 72 11.33 -9.59 6.48
C TRP B 72 11.51 -8.11 6.78
N VAL B 73 10.42 -7.47 7.23
CA VAL B 73 10.43 -6.08 7.64
C VAL B 73 9.46 -5.92 8.80
N ASP B 74 9.94 -5.31 9.89
CA ASP B 74 9.16 -5.18 11.12
C ASP B 74 8.44 -3.84 11.10
N TYR B 75 7.19 -3.86 10.63
CA TYR B 75 6.29 -2.72 10.72
C TYR B 75 5.28 -2.89 11.86
N SER B 76 5.65 -3.66 12.89
CA SER B 76 4.70 -4.01 13.94
C SER B 76 4.24 -2.79 14.72
N ASP B 77 4.94 -1.66 14.62
CA ASP B 77 4.50 -0.44 15.28
C ASP B 77 3.17 0.08 14.72
N LYS B 78 2.69 -0.49 13.60
CA LYS B 78 1.45 -0.01 13.00
C LYS B 78 0.63 -1.16 12.42
N TYR B 79 1.22 -1.94 11.53
CA TYR B 79 0.49 -2.98 10.80
C TYR B 79 0.89 -4.38 11.21
N GLY B 80 2.18 -4.68 11.27
CA GLY B 80 2.64 -6.01 11.60
C GLY B 80 3.97 -6.28 10.94
N LEU B 81 4.26 -7.58 10.76
CA LEU B 81 5.52 -8.03 10.19
C LEU B 81 5.25 -8.77 8.89
N GLY B 82 5.84 -8.29 7.81
CA GLY B 82 5.81 -8.97 6.54
C GLY B 82 7.11 -9.74 6.32
N TYR B 83 7.04 -10.75 5.46
CA TYR B 83 8.19 -11.61 5.22
C TYR B 83 8.05 -12.29 3.87
N GLN B 84 9.18 -12.73 3.34
CA GLN B 84 9.23 -13.54 2.13
C GLN B 84 9.85 -14.89 2.46
N LEU B 85 9.26 -15.95 1.92
CA LEU B 85 9.84 -17.28 2.02
C LEU B 85 10.71 -17.56 0.79
N CYS B 86 11.51 -18.62 0.89
CA CYS B 86 12.47 -18.92 -0.17
C CYS B 86 11.80 -19.28 -1.49
N ASP B 87 10.56 -19.75 -1.46
CA ASP B 87 9.83 -20.04 -2.69
C ASP B 87 9.18 -18.79 -3.28
N ASN B 88 9.57 -17.61 -2.82
CA ASN B 88 9.09 -16.31 -3.27
C ASN B 88 7.66 -16.01 -2.83
N SER B 89 7.03 -16.90 -2.06
CA SER B 89 5.74 -16.58 -1.48
C SER B 89 5.92 -15.47 -0.43
N VAL B 90 4.80 -14.87 -0.05
CA VAL B 90 4.80 -13.74 0.87
C VAL B 90 3.75 -13.96 1.94
N GLY B 91 4.00 -13.40 3.12
CA GLY B 91 3.06 -13.50 4.22
C GLY B 91 3.17 -12.28 5.12
N VAL B 92 2.14 -12.09 5.94
CA VAL B 92 2.08 -10.98 6.88
C VAL B 92 1.37 -11.46 8.14
N LEU B 93 2.00 -11.29 9.29
CA LEU B 93 1.41 -11.59 10.58
C LEU B 93 0.96 -10.27 11.18
N PHE B 94 -0.29 -9.91 10.94
CA PHE B 94 -0.81 -8.62 11.38
C PHE B 94 -0.88 -8.56 12.90
N ASN B 95 -1.00 -7.33 13.41
CA ASN B 95 -1.06 -7.11 14.86
C ASN B 95 -2.33 -7.66 15.49
N ASP B 96 -3.32 -8.07 14.69
CA ASP B 96 -4.55 -8.63 15.22
C ASP B 96 -4.53 -10.16 15.20
N SER B 97 -3.36 -10.76 15.12
CA SER B 97 -3.15 -12.21 15.17
C SER B 97 -3.66 -12.93 13.92
N THR B 98 -4.06 -12.19 12.89
CA THR B 98 -4.48 -12.79 11.63
C THR B 98 -3.32 -12.82 10.64
N ARG B 99 -3.45 -13.69 9.65
CA ARG B 99 -2.39 -13.91 8.66
C ARG B 99 -2.99 -13.88 7.27
N LEU B 100 -2.16 -13.44 6.31
CA LEU B 100 -2.53 -13.45 4.90
C LEU B 100 -1.31 -13.86 4.11
N ILE B 101 -1.44 -14.91 3.30
CA ILE B 101 -0.34 -15.50 2.56
C ILE B 101 -0.61 -15.35 1.07
N LEU B 102 0.35 -14.81 0.34
CA LEU B 102 0.30 -14.68 -1.11
C LEU B 102 1.25 -15.72 -1.70
N TYR B 103 0.69 -16.69 -2.41
CA TYR B 103 1.48 -17.77 -2.98
C TYR B 103 2.32 -17.24 -4.15
N ASN B 104 3.24 -18.07 -4.62
CA ASN B 104 4.17 -17.64 -5.67
C ASN B 104 3.51 -17.53 -7.04
N ASP B 105 2.21 -17.80 -7.16
CA ASP B 105 1.52 -17.57 -8.42
C ASP B 105 1.16 -16.10 -8.61
N GLY B 106 1.11 -15.32 -7.54
CA GLY B 106 0.79 -13.91 -7.63
C GLY B 106 -0.68 -13.58 -7.58
N ASP B 107 -1.53 -14.51 -7.18
CA ASP B 107 -2.97 -14.29 -7.20
C ASP B 107 -3.64 -15.03 -6.04
N SER B 108 -3.32 -16.31 -5.87
CA SER B 108 -3.92 -17.10 -4.81
C SER B 108 -3.58 -16.50 -3.44
N LEU B 109 -4.49 -16.67 -2.50
CA LEU B 109 -4.33 -16.11 -1.16
C LEU B 109 -4.86 -17.09 -0.12
N GLN B 110 -4.28 -17.02 1.07
CA GLN B 110 -4.72 -17.81 2.22
C GLN B 110 -4.79 -16.89 3.43
N TYR B 111 -5.93 -16.89 4.11
CA TYR B 111 -6.20 -16.00 5.23
C TYR B 111 -6.50 -16.85 6.46
N ILE B 112 -5.60 -16.82 7.44
CA ILE B 112 -5.75 -17.56 8.69
C ILE B 112 -6.21 -16.57 9.75
N GLU B 113 -7.46 -16.71 10.18
CA GLU B 113 -8.03 -15.80 11.18
C GLU B 113 -7.34 -16.04 12.52
N ARG B 114 -7.87 -15.41 13.57
CA ARG B 114 -7.31 -15.59 14.90
C ARG B 114 -7.67 -16.95 15.47
N ASP B 115 -8.81 -17.51 15.06
CA ASP B 115 -9.28 -18.80 15.54
C ASP B 115 -8.81 -19.96 14.65
N GLY B 116 -7.78 -19.75 13.85
CA GLY B 116 -7.28 -20.78 12.96
C GLY B 116 -8.06 -20.96 11.68
N THR B 117 -9.22 -20.33 11.55
CA THR B 117 -10.02 -20.44 10.33
C THR B 117 -9.19 -20.07 9.11
N GLU B 118 -9.03 -21.03 8.21
CA GLU B 118 -8.28 -20.83 6.98
C GLU B 118 -9.26 -20.61 5.83
N SER B 119 -8.91 -19.67 4.94
CA SER B 119 -9.76 -19.29 3.83
C SER B 119 -8.89 -19.03 2.61
N TYR B 120 -9.21 -19.68 1.50
CA TYR B 120 -8.37 -19.67 0.30
C TYR B 120 -9.10 -18.87 -0.79
N LEU B 121 -8.71 -17.60 -0.91
CA LEU B 121 -9.28 -16.64 -1.83
C LEU B 121 -8.20 -16.24 -2.84
N THR B 122 -8.47 -15.18 -3.60
CA THR B 122 -7.50 -14.67 -4.54
C THR B 122 -7.61 -13.16 -4.59
N VAL B 123 -6.56 -12.51 -5.09
CA VAL B 123 -6.57 -11.05 -5.17
C VAL B 123 -7.68 -10.59 -6.11
N SER B 124 -8.04 -11.42 -7.08
CA SER B 124 -9.12 -11.05 -8.01
C SER B 124 -10.47 -11.18 -7.33
N SER B 125 -10.83 -12.40 -6.92
CA SER B 125 -12.10 -12.65 -6.24
C SER B 125 -11.91 -12.50 -4.72
N HIS B 126 -11.55 -11.29 -4.31
CA HIS B 126 -11.33 -11.03 -2.89
C HIS B 126 -12.52 -10.29 -2.30
N PRO B 127 -12.98 -10.62 -1.09
CA PRO B 127 -14.06 -9.84 -0.48
C PRO B 127 -13.59 -8.44 -0.14
N ASN B 128 -14.54 -7.51 -0.10
CA ASN B 128 -14.22 -6.16 0.35
C ASN B 128 -13.74 -6.14 1.80
N SER B 129 -13.96 -7.23 2.54
CA SER B 129 -13.52 -7.31 3.92
C SER B 129 -12.00 -7.25 4.01
N LEU B 130 -11.30 -7.89 3.08
CA LEU B 130 -9.85 -8.00 3.14
C LEU B 130 -9.14 -6.98 2.24
N MET B 131 -9.87 -6.05 1.63
CA MET B 131 -9.25 -5.10 0.72
C MET B 131 -8.05 -4.42 1.35
N LYS B 132 -8.21 -3.93 2.57
CA LYS B 132 -7.09 -3.24 3.23
C LYS B 132 -5.90 -4.16 3.43
N LYS B 133 -6.13 -5.32 4.06
CA LYS B 133 -5.03 -6.23 4.33
C LYS B 133 -4.38 -6.74 3.05
N ILE B 134 -5.14 -6.85 1.97
CA ILE B 134 -4.55 -7.22 0.69
C ILE B 134 -3.64 -6.10 0.18
N THR B 135 -4.09 -4.86 0.29
CA THR B 135 -3.27 -3.73 -0.18
C THR B 135 -1.98 -3.63 0.62
N LEU B 136 -2.08 -3.80 1.95
CA LEU B 136 -0.89 -3.67 2.79
C LEU B 136 0.14 -4.74 2.46
N LEU B 137 -0.30 -5.97 2.25
CA LEU B 137 0.61 -7.02 1.80
C LEU B 137 1.37 -6.56 0.56
N LYS B 138 0.63 -6.16 -0.48
CA LYS B 138 1.26 -5.72 -1.71
C LYS B 138 2.35 -4.69 -1.45
N TYR B 139 2.12 -3.79 -0.49
CA TYR B 139 3.14 -2.82 -0.13
C TYR B 139 4.35 -3.51 0.51
N PHE B 140 4.08 -4.43 1.45
CA PHE B 140 5.18 -5.21 2.03
C PHE B 140 5.97 -5.92 0.93
N ARG B 141 5.28 -6.67 0.07
CA ARG B 141 5.96 -7.39 -1.01
C ARG B 141 6.73 -6.42 -1.90
N ASN B 142 6.15 -5.25 -2.18
CA ASN B 142 6.85 -4.27 -3.01
C ASN B 142 8.15 -3.83 -2.37
N TYR B 143 8.10 -3.41 -1.09
CA TYR B 143 9.30 -2.94 -0.43
C TYR B 143 10.35 -4.04 -0.34
N MET B 144 9.94 -5.25 0.06
CA MET B 144 10.89 -6.35 0.18
C MET B 144 11.54 -6.66 -1.16
N SER B 145 10.73 -6.72 -2.22
CA SER B 145 11.24 -7.14 -3.52
C SER B 145 12.27 -6.16 -4.08
N GLU B 146 12.10 -4.86 -3.82
CA GLU B 146 12.98 -3.86 -4.42
C GLU B 146 14.12 -3.41 -3.51
N HIS B 147 13.98 -3.55 -2.19
CA HIS B 147 14.94 -3.00 -1.26
C HIS B 147 15.78 -4.04 -0.52
N LEU B 148 15.31 -5.28 -0.38
CA LEU B 148 15.92 -6.23 0.52
C LEU B 148 16.51 -7.42 -0.24
N LEU B 149 17.60 -7.96 0.30
CA LEU B 149 18.30 -9.08 -0.30
C LEU B 149 17.62 -10.40 0.09
N LYS B 150 17.78 -11.41 -0.77
CA LYS B 150 17.15 -12.70 -0.59
C LYS B 150 18.14 -13.65 0.09
N ALA B 151 17.88 -13.97 1.35
CA ALA B 151 18.73 -14.90 2.07
C ALA B 151 18.56 -16.31 1.52
N GLY B 152 19.67 -17.00 1.32
CA GLY B 152 19.64 -18.30 0.70
C GLY B 152 19.48 -18.26 -0.81
N ALA B 153 20.03 -17.22 -1.45
CA ALA B 153 19.91 -17.12 -2.91
C ALA B 153 20.60 -18.27 -3.60
N ASN B 154 21.74 -18.70 -3.08
CA ASN B 154 22.53 -19.78 -3.68
C ASN B 154 22.00 -21.16 -3.33
N ILE B 155 20.80 -21.26 -2.79
CA ILE B 155 20.29 -22.53 -2.27
C ILE B 155 19.41 -23.20 -3.31
N THR B 156 19.29 -24.52 -3.19
CA THR B 156 18.34 -25.33 -3.94
C THR B 156 17.57 -26.16 -2.92
N PRO B 157 16.37 -25.73 -2.51
CA PRO B 157 15.68 -26.43 -1.43
C PRO B 157 15.28 -27.85 -1.84
N ARG B 158 14.82 -28.60 -0.84
CA ARG B 158 14.45 -30.00 -1.02
C ARG B 158 13.08 -30.10 -1.70
N GLU B 159 12.79 -31.30 -2.19
CA GLU B 159 11.48 -31.63 -2.74
C GLU B 159 11.01 -30.59 -3.76
N GLY B 160 9.86 -29.98 -3.50
CA GLY B 160 9.30 -28.98 -4.38
C GLY B 160 7.98 -28.43 -3.86
N ASP B 161 6.93 -28.53 -4.66
CA ASP B 161 5.59 -28.11 -4.26
C ASP B 161 4.68 -29.27 -3.90
N GLU B 162 4.86 -30.41 -4.55
CA GLU B 162 4.00 -31.56 -4.31
C GLU B 162 4.12 -32.03 -2.87
N LEU B 163 2.98 -32.10 -2.18
CA LEU B 163 2.94 -32.46 -0.77
C LEU B 163 3.89 -31.59 0.04
N ALA B 164 3.98 -30.32 -0.37
CA ALA B 164 4.86 -29.35 0.29
C ALA B 164 4.05 -28.16 0.77
N ARG B 165 3.15 -28.39 1.71
CA ARG B 165 2.26 -27.34 2.20
C ARG B 165 3.06 -26.12 2.61
N LEU B 166 2.68 -24.97 2.07
CA LEU B 166 3.39 -23.73 2.36
C LEU B 166 3.26 -23.42 3.86
N PRO B 167 4.36 -23.14 4.55
CA PRO B 167 4.26 -22.77 5.97
C PRO B 167 3.91 -21.31 6.15
N TYR B 168 3.43 -20.99 7.34
CA TYR B 168 3.13 -19.62 7.73
C TYR B 168 3.80 -19.31 9.06
N LEU B 169 4.00 -18.01 9.31
CA LEU B 169 4.71 -17.56 10.50
C LEU B 169 3.79 -17.71 11.71
N ARG B 170 4.07 -18.71 12.55
CA ARG B 170 3.24 -18.92 13.74
C ARG B 170 3.47 -17.83 14.78
N THR B 171 4.73 -17.45 14.99
CA THR B 171 5.05 -16.40 15.93
C THR B 171 6.48 -15.93 15.66
N TRP B 172 6.82 -14.78 16.26
CA TRP B 172 8.15 -14.21 16.08
C TRP B 172 8.42 -13.21 17.18
N PHE B 173 9.71 -13.00 17.46
CA PHE B 173 10.17 -11.93 18.32
C PHE B 173 11.62 -11.64 17.97
N ARG B 174 12.12 -10.52 18.47
CA ARG B 174 13.51 -10.15 18.24
C ARG B 174 14.12 -9.64 19.53
N THR B 175 15.38 -10.01 19.75
CA THR B 175 16.17 -9.50 20.85
C THR B 175 17.05 -8.36 20.32
N ARG B 176 18.00 -7.93 21.14
CA ARG B 176 18.98 -6.95 20.67
C ARG B 176 19.96 -7.54 19.67
N SER B 177 20.06 -8.88 19.62
CA SER B 177 21.07 -9.53 18.80
C SER B 177 20.52 -10.34 17.63
N ALA B 178 19.23 -10.69 17.64
CA ALA B 178 18.70 -11.57 16.60
C ALA B 178 17.19 -11.45 16.54
N ILE B 179 16.63 -11.98 15.45
CA ILE B 179 15.20 -12.13 15.27
C ILE B 179 14.90 -13.62 15.21
N ILE B 180 13.88 -14.05 15.96
CA ILE B 180 13.50 -15.45 16.07
C ILE B 180 12.19 -15.64 15.31
N LEU B 181 12.20 -16.56 14.33
CA LEU B 181 11.07 -16.81 13.46
C LEU B 181 10.63 -18.26 13.61
N HIS B 182 9.40 -18.47 14.05
CA HIS B 182 8.83 -19.80 14.26
C HIS B 182 7.78 -20.06 13.19
N LEU B 183 8.04 -21.02 12.31
CA LEU B 183 7.13 -21.35 11.24
C LEU B 183 6.16 -22.44 11.66
N SER B 184 5.09 -22.58 10.88
CA SER B 184 4.03 -23.54 11.23
C SER B 184 4.45 -24.98 11.04
N ASN B 185 5.47 -25.24 10.23
CA ASN B 185 5.99 -26.59 10.05
C ASN B 185 6.95 -27.01 11.17
N GLY B 186 7.01 -26.25 12.26
CA GLY B 186 7.90 -26.56 13.36
C GLY B 186 9.29 -25.98 13.25
N SER B 187 9.68 -25.48 12.07
CA SER B 187 11.01 -24.92 11.89
C SER B 187 11.15 -23.61 12.66
N VAL B 188 12.36 -23.38 13.18
CA VAL B 188 12.69 -22.16 13.90
C VAL B 188 13.95 -21.59 13.28
N GLN B 189 13.86 -20.35 12.82
CA GLN B 189 14.98 -19.66 12.17
C GLN B 189 15.43 -18.49 13.05
N ILE B 190 16.75 -18.33 13.16
CA ILE B 190 17.34 -17.28 13.97
C ILE B 190 18.35 -16.54 13.11
N ASN B 191 18.09 -15.25 12.87
CA ASN B 191 18.97 -14.39 12.09
C ASN B 191 19.67 -13.43 13.05
N PHE B 192 21.00 -13.44 13.05
CA PHE B 192 21.78 -12.55 13.89
C PHE B 192 22.08 -11.27 13.11
N PHE B 193 21.77 -10.13 13.72
CA PHE B 193 21.78 -8.86 13.01
C PHE B 193 23.20 -8.49 12.56
N GLN B 194 24.16 -8.54 13.48
CA GLN B 194 25.41 -7.83 13.26
C GLN B 194 26.31 -8.53 12.24
N ASP B 195 26.35 -9.87 12.26
CA ASP B 195 27.22 -10.61 11.36
C ASP B 195 26.46 -11.34 10.26
N HIS B 196 25.13 -11.30 10.26
CA HIS B 196 24.29 -11.86 9.22
C HIS B 196 24.32 -13.38 9.17
N THR B 197 24.84 -14.03 10.20
CA THR B 197 24.75 -15.49 10.28
C THR B 197 23.32 -15.89 10.64
N LYS B 198 22.93 -17.08 10.21
CA LYS B 198 21.55 -17.53 10.34
C LYS B 198 21.52 -19.03 10.62
N LEU B 199 20.61 -19.43 11.51
CA LEU B 199 20.34 -20.83 11.80
C LEU B 199 18.94 -21.19 11.32
N ILE B 200 18.81 -22.36 10.72
CA ILE B 200 17.52 -22.93 10.34
C ILE B 200 17.43 -24.30 10.98
N LEU B 201 16.58 -24.42 11.99
CA LEU B 201 16.45 -25.64 12.78
C LEU B 201 15.20 -26.40 12.35
N CYS B 202 15.36 -27.69 12.05
CA CYS B 202 14.25 -28.55 11.68
C CYS B 202 14.10 -29.66 12.70
N PRO B 203 13.07 -29.65 13.56
CA PRO B 203 12.94 -30.71 14.56
C PRO B 203 12.56 -32.06 13.98
N LEU B 204 11.94 -32.10 12.80
CA LEU B 204 11.54 -33.37 12.20
C LEU B 204 12.75 -34.22 11.86
N MET B 205 13.88 -33.59 11.52
CA MET B 205 15.07 -34.30 11.12
C MET B 205 16.19 -34.21 12.15
N ALA B 206 15.97 -33.50 13.26
CA ALA B 206 17.04 -33.23 14.22
C ALA B 206 18.24 -32.63 13.51
N ALA B 207 17.98 -31.68 12.61
CA ALA B 207 19.00 -31.07 11.78
C ALA B 207 19.00 -29.56 11.96
N VAL B 208 20.15 -28.96 11.71
CA VAL B 208 20.32 -27.52 11.70
C VAL B 208 21.10 -27.14 10.45
N THR B 209 20.71 -26.06 9.81
CA THR B 209 21.51 -25.47 8.75
C THR B 209 22.07 -24.14 9.21
N TYR B 210 23.35 -23.92 8.92
CA TYR B 210 24.07 -22.73 9.33
C TYR B 210 24.50 -21.96 8.10
N ILE B 211 24.14 -20.68 8.04
CA ILE B 211 24.58 -19.78 7.00
C ILE B 211 25.60 -18.84 7.63
N ASP B 212 26.85 -18.92 7.18
CA ASP B 212 27.94 -18.19 7.79
C ASP B 212 28.03 -16.79 7.18
N GLU B 213 29.06 -16.03 7.56
CA GLU B 213 29.21 -14.67 7.08
C GLU B 213 29.45 -14.61 5.58
N LYS B 214 30.15 -15.59 5.03
CA LYS B 214 30.40 -15.66 3.59
C LYS B 214 29.20 -16.20 2.81
N ARG B 215 28.03 -16.28 3.44
CA ARG B 215 26.81 -16.78 2.82
C ARG B 215 26.91 -18.25 2.42
N ASP B 216 27.93 -18.97 2.87
CA ASP B 216 27.96 -20.40 2.68
C ASP B 216 26.86 -21.05 3.53
N PHE B 217 26.46 -22.25 3.11
N PHE B 217 26.55 -22.29 3.19
CA PHE B 217 25.33 -22.94 3.70
CA PHE B 217 25.32 -22.94 3.68
C PHE B 217 25.69 -24.40 3.91
C PHE B 217 25.60 -24.42 3.88
N ARG B 218 25.51 -24.89 5.13
CA ARG B 218 25.82 -26.27 5.48
C ARG B 218 24.76 -26.80 6.43
N THR B 219 24.24 -27.99 6.13
CA THR B 219 23.19 -28.62 6.92
C THR B 219 23.77 -29.81 7.68
N TYR B 220 23.54 -29.84 8.99
CA TYR B 220 24.11 -30.86 9.86
C TYR B 220 23.01 -31.62 10.58
N ARG B 221 23.33 -32.85 10.97
CA ARG B 221 22.52 -33.62 11.92
C ARG B 221 22.99 -33.28 13.32
N LEU B 222 22.09 -32.71 14.14
CA LEU B 222 22.45 -32.36 15.50
C LEU B 222 23.09 -33.55 16.23
N SER B 223 22.54 -34.76 16.03
CA SER B 223 23.11 -35.93 16.68
C SER B 223 24.54 -36.19 16.24
N LEU B 224 24.86 -35.90 14.97
CA LEU B 224 26.22 -36.13 14.51
C LEU B 224 27.17 -35.06 15.03
N LEU B 225 26.71 -33.82 15.15
CA LEU B 225 27.55 -32.78 15.76
C LEU B 225 27.99 -33.19 17.16
N GLU B 226 27.12 -33.90 17.89
CA GLU B 226 27.54 -34.47 19.17
C GLU B 226 28.75 -35.37 19.00
N GLU B 227 28.77 -36.16 17.93
CA GLU B 227 29.75 -37.22 17.77
C GLU B 227 31.03 -36.76 17.08
N TYR B 228 30.97 -35.68 16.29
CA TYR B 228 32.14 -35.20 15.58
C TYR B 228 32.62 -33.82 16.01
N GLY B 229 31.78 -33.04 16.69
CA GLY B 229 32.16 -31.72 17.13
C GLY B 229 31.91 -30.66 16.07
N CYS B 230 32.15 -29.40 16.47
CA CYS B 230 31.97 -28.28 15.57
C CYS B 230 32.72 -27.08 16.12
N CYS B 231 32.93 -26.09 15.26
CA CYS B 231 33.59 -24.87 15.66
C CYS B 231 32.79 -24.16 16.75
N LYS B 232 33.46 -23.26 17.48
CA LYS B 232 32.80 -22.54 18.55
C LYS B 232 31.74 -21.58 18.02
N GLU B 233 31.85 -21.14 16.77
CA GLU B 233 30.84 -20.25 16.20
C GLU B 233 29.48 -20.93 16.14
N LEU B 234 29.43 -22.14 15.58
CA LEU B 234 28.17 -22.87 15.53
C LEU B 234 27.72 -23.30 16.92
N ALA B 235 28.66 -23.75 17.75
CA ALA B 235 28.31 -24.20 19.09
C ALA B 235 27.70 -23.08 19.91
N SER B 236 28.29 -21.89 19.85
CA SER B 236 27.79 -20.78 20.65
C SER B 236 26.39 -20.37 20.20
N ARG B 237 26.12 -20.43 18.90
CA ARG B 237 24.79 -20.07 18.41
C ARG B 237 23.76 -21.14 18.73
N LEU B 238 24.17 -22.41 18.83
CA LEU B 238 23.25 -23.45 19.26
C LEU B 238 22.90 -23.30 20.74
N ARG B 239 23.84 -22.83 21.56
CA ARG B 239 23.51 -22.46 22.93
C ARG B 239 22.47 -21.34 22.95
N TYR B 240 22.69 -20.30 22.14
CA TYR B 240 21.72 -19.22 22.05
C TYR B 240 20.38 -19.72 21.54
N ALA B 241 20.41 -20.63 20.57
CA ALA B 241 19.16 -21.16 20.01
C ALA B 241 18.31 -21.82 21.09
N ARG B 242 18.94 -22.57 21.99
CA ARG B 242 18.18 -23.28 23.01
C ARG B 242 17.45 -22.31 23.93
N THR B 243 18.11 -21.21 24.33
CA THR B 243 17.44 -20.24 25.18
C THR B 243 16.29 -19.57 24.44
N MET B 244 16.44 -19.34 23.13
CA MET B 244 15.34 -18.79 22.34
C MET B 244 14.18 -19.76 22.28
N VAL B 245 14.46 -21.05 22.11
CA VAL B 245 13.38 -22.04 22.04
C VAL B 245 12.70 -22.17 23.40
N ASP B 246 13.48 -22.09 24.49
CA ASP B 246 12.87 -22.03 25.82
C ASP B 246 11.93 -20.84 25.93
N LYS B 247 12.26 -19.72 25.28
CA LYS B 247 11.39 -18.56 25.33
C LYS B 247 10.11 -18.78 24.52
N LEU B 248 10.23 -19.41 23.36
CA LEU B 248 9.05 -19.70 22.56
C LEU B 248 8.06 -20.58 23.32
N LEU B 249 8.55 -21.42 24.22
CA LEU B 249 7.69 -22.31 25.01
C LEU B 249 7.13 -21.62 26.25
N SER B 250 7.91 -20.74 26.88
CA SER B 250 7.39 -19.98 28.02
C SER B 250 6.15 -19.17 27.65
N SER B 251 5.99 -18.82 26.37
CA SER B 251 4.80 -18.11 25.91
C SER B 251 3.70 -19.06 25.49
N ARG B 252 4.05 -20.14 24.78
CA ARG B 252 3.05 -21.11 24.35
C ARG B 252 2.29 -21.67 25.55
N SER B 253 3.01 -22.16 26.55
CA SER B 253 2.39 -22.73 27.74
C SER B 253 3.25 -22.44 28.98
N THR C 12 -17.58 8.20 10.93
CA THR C 12 -18.56 9.03 11.61
C THR C 12 -19.72 8.18 12.13
N TYR C 13 -20.95 8.59 11.82
CA TYR C 13 -22.12 7.80 12.20
C TYR C 13 -21.92 6.34 11.82
N GLU C 14 -22.44 5.44 12.66
CA GLU C 14 -22.12 4.02 12.51
C GLU C 14 -22.70 3.46 11.22
N THR C 15 -23.99 3.69 10.96
CA THR C 15 -24.61 3.19 9.75
C THR C 15 -24.14 3.91 8.49
N PHE C 16 -23.41 5.02 8.64
CA PHE C 16 -22.87 5.72 7.48
C PHE C 16 -21.75 4.91 6.86
N ASP C 17 -22.08 4.06 5.87
CA ASP C 17 -21.14 3.13 5.27
C ASP C 17 -21.12 3.36 3.76
N PRO C 18 -20.41 4.39 3.30
CA PRO C 18 -20.27 4.61 1.85
C PRO C 18 -19.75 3.38 1.15
N PRO C 19 -20.33 3.01 0.00
CA PRO C 19 -19.81 1.86 -0.74
C PRO C 19 -18.56 2.18 -1.55
N LEU C 20 -18.44 3.42 -2.01
CA LEU C 20 -17.32 3.85 -2.84
C LEU C 20 -16.81 5.20 -2.36
N HIS C 21 -15.50 5.40 -2.50
CA HIS C 21 -14.86 6.62 -2.03
C HIS C 21 -13.49 6.74 -2.66
N SER C 22 -12.85 7.87 -2.42
CA SER C 22 -11.51 8.12 -2.95
C SER C 22 -10.46 7.36 -2.17
N TPO C 23 -9.20 7.54 -2.55
CA TPO C 23 -8.09 6.80 -1.97
CB TPO C 23 -6.74 7.28 -2.53
CG2 TPO C 23 -5.56 6.61 -1.84
OG1 TPO C 23 -6.71 6.99 -3.91
P TPO C 23 -6.81 8.26 -5.06
O1P TPO C 23 -8.20 8.80 -4.75
O2P TPO C 23 -5.66 9.20 -4.75
O3P TPO C 23 -6.67 7.57 -6.43
C TPO C 23 -8.05 6.89 -0.44
O TPO C 23 -8.03 7.98 0.13
N ALA C 24 -8.03 5.73 0.21
CA ALA C 24 -7.98 5.66 1.66
C ALA C 24 -6.60 6.09 2.17
N ILE C 25 -6.53 6.48 3.45
CA ILE C 25 -5.26 6.91 4.01
C ILE C 25 -4.27 5.76 4.03
N TYR C 26 -4.75 4.54 4.26
CA TYR C 26 -3.83 3.40 4.31
C TYR C 26 -3.22 3.09 2.95
N ALA C 27 -3.84 3.55 1.87
CA ALA C 27 -3.35 3.28 0.52
C ALA C 27 -2.31 4.30 0.06
N ASP C 28 -1.43 4.72 0.95
CA ASP C 28 -0.37 5.67 0.64
C ASP C 28 0.96 4.89 0.67
N GLU C 29 1.35 4.36 -0.48
CA GLU C 29 2.54 3.53 -0.53
C GLU C 29 3.81 4.34 -0.31
N GLU C 30 3.82 5.62 -0.70
CA GLU C 30 4.98 6.45 -0.46
CA GLU C 30 4.99 6.46 -0.46
C GLU C 30 5.27 6.57 1.03
N GLU C 31 4.22 6.70 1.84
CA GLU C 31 4.40 6.73 3.29
C GLU C 31 4.72 5.35 3.85
N PHE C 32 4.19 4.30 3.23
CA PHE C 32 4.46 2.94 3.69
C PHE C 32 5.91 2.56 3.41
N SER C 33 6.31 2.56 2.13
CA SER C 33 7.68 2.20 1.77
C SER C 33 8.68 2.99 2.60
N LYS C 34 8.33 4.21 2.98
CA LYS C 34 9.20 5.05 3.79
C LYS C 34 9.37 4.44 5.19
N HIS C 35 8.31 4.41 5.98
CA HIS C 35 8.41 3.89 7.35
C HIS C 35 9.09 2.52 7.38
N CYS C 36 8.96 1.73 6.32
CA CYS C 36 9.73 0.49 6.24
C CYS C 36 11.22 0.78 6.22
N GLY C 37 11.63 1.85 5.53
CA GLY C 37 13.03 2.22 5.51
C GLY C 37 13.53 2.74 6.85
N LEU C 38 12.64 3.35 7.65
CA LEU C 38 13.01 3.82 8.97
C LEU C 38 12.90 2.73 10.04
N SER C 39 12.15 1.66 9.78
CA SER C 39 12.02 0.57 10.73
C SER C 39 13.07 -0.50 10.46
N LEU C 40 13.13 -1.48 11.35
CA LEU C 40 14.09 -2.56 11.22
C LEU C 40 13.61 -3.55 10.17
N SER C 41 14.56 -4.07 9.39
CA SER C 41 14.25 -4.98 8.30
C SER C 41 15.43 -5.91 8.07
N SER C 42 15.22 -6.90 7.21
CA SER C 42 16.28 -7.83 6.84
C SER C 42 17.39 -7.09 6.10
N TPO C 43 18.41 -7.81 5.68
CA TPO C 43 19.58 -7.21 5.06
CB TPO C 43 20.75 -8.21 4.97
CG2 TPO C 43 22.00 -7.63 4.32
OG1 TPO C 43 21.05 -8.60 6.28
P TPO C 43 20.67 -10.18 6.81
O1P TPO C 43 21.45 -11.02 5.79
O2P TPO C 43 21.21 -10.24 8.24
O3P TPO C 43 19.15 -10.32 6.72
C TPO C 43 19.26 -6.66 3.67
O TPO C 43 18.65 -7.35 2.86
H TPO C 43 18.46 -8.67 5.75
HA TPO C 43 19.86 -6.45 5.60
HB TPO C 43 20.44 -8.94 4.40
HG21 TPO C 43 22.52 -7.14 4.96
HG22 TPO C 43 21.77 -7.04 3.58
HG23 TPO C 43 22.57 -8.34 3.96
N PRO C 44 19.70 -5.43 3.38
CA PRO C 44 19.57 -4.86 2.03
C PRO C 44 20.81 -5.13 1.18
N PRO C 45 20.70 -4.96 -0.14
CA PRO C 45 21.89 -5.07 -0.99
C PRO C 45 22.90 -3.99 -0.66
N GLY C 46 24.18 -4.33 -0.76
CA GLY C 46 25.25 -3.40 -0.48
C GLY C 46 26.60 -3.89 -0.95
C1 PGE D . -11.55 10.78 -32.25
O1 PGE D . -12.10 12.00 -31.81
C2 PGE D . -10.60 11.05 -33.40
O2 PGE D . -10.60 9.94 -34.27
C3 PGE D . -9.35 9.46 -34.68
C4 PGE D . -8.61 8.66 -33.64
O4 PGE D . -6.90 5.92 -32.37
C6 PGE D . -6.34 5.99 -33.66
C5 PGE D . -6.71 7.36 -34.23
O3 PGE D . -8.11 7.47 -34.18
H1 PGE D . -11.04 10.34 -31.55
H12 PGE D . -12.22 10.16 -32.56
HO1 PGE D . -12.53 12.35 -32.45
H2 PGE D . -10.89 11.85 -33.86
H22 PGE D . -9.71 11.22 -33.04
H3 PGE D . -9.46 8.90 -35.48
H32 PGE D . -8.78 10.22 -34.94
H4 PGE D . -7.90 9.22 -33.28
H42 PGE D . -9.23 8.49 -32.91
HO4 PGE D . -6.62 6.58 -31.92
H6 PGE D . -6.68 5.30 -34.25
H62 PGE D . -5.37 5.91 -33.64
H5 PGE D . -6.38 7.44 -35.13
H52 PGE D . -6.28 8.06 -33.71
C1 PGE E . -16.54 33.03 5.59
O1 PGE E . -15.25 33.11 6.17
C2 PGE E . -16.46 33.35 4.12
O2 PGE E . -17.55 32.77 3.46
C3 PGE E . -18.70 33.57 3.30
C4 PGE E . -18.54 34.69 2.29
O4 PGE E . -22.28 35.50 0.01
C6 PGE E . -20.87 35.36 -0.07
C5 PGE E . -20.46 34.32 0.97
O3 PGE E . -19.06 34.31 1.03
H1 PGE E . -16.93 32.15 5.68
H12 PGE E . -17.16 33.66 6.00
HO1 PGE E . -14.92 33.86 5.95
H2 PGE E . -16.45 34.31 4.01
H22 PGE E . -15.63 33.01 3.78
H3 PGE E . -19.45 33.02 3.02
H32 PGE E . -18.94 33.97 4.15
H4 PGE E . -18.99 35.48 2.63
H42 PGE E . -17.59 34.91 2.22
HO4 PGE E . -22.50 35.50 0.83
H6 PGE E . -20.42 36.20 0.13
H62 PGE E . -20.59 35.07 -0.94
H5 PGE E . -20.81 33.46 0.71
H52 PGE E . -20.85 34.55 1.83
O1 PG4 F . -8.63 25.11 6.94
C1 PG4 F . -8.33 26.09 5.98
C2 PG4 F . -6.96 25.83 5.40
O2 PG4 F . -7.04 25.77 3.99
C3 PG4 F . -5.87 26.18 3.34
C4 PG4 F . -4.74 25.24 3.66
O3 PG4 F . -5.15 23.92 3.43
C5 PG4 F . -4.18 22.95 3.73
C6 PG4 F . -4.17 22.69 5.21
O4 PG4 F . -3.77 21.37 5.47
C7 PG4 F . -4.80 20.43 5.33
C8 PG4 F . -5.24 19.94 6.68
O5 PG4 F . -5.76 21.01 7.43
HO1 PG4 F . -8.74 24.37 6.55
H11 PG4 F . -8.98 26.09 5.26
H12 PG4 F . -8.34 26.98 6.37
H21 PG4 F . -6.37 26.54 5.69
H22 PG4 F . -6.62 25.01 5.77
H31 PG4 F . -6.01 26.21 2.39
H32 PG4 F . -5.63 27.08 3.63
H41 PG4 F . -3.97 25.47 3.10
H42 PG4 F . -4.46 25.37 4.58
H51 PG4 F . -4.35 22.13 3.26
H52 PG4 F . -3.30 23.25 3.45
H61 PG4 F . -3.56 23.33 5.63
H62 PG4 F . -5.05 22.87 5.57
H71 PG4 F . -5.56 20.84 4.86
H72 PG4 F . -4.52 19.68 4.77
H81 PG4 F . -5.89 19.24 6.53
H82 PG4 F . -4.48 19.52 7.10
HO5 PG4 F . -6.38 21.37 6.99
P PO4 G . -5.63 5.27 -19.36
O1 PO4 G . -4.41 4.99 -20.30
O2 PO4 G . -6.54 3.98 -19.28
O3 PO4 G . -5.10 5.63 -17.93
O4 PO4 G . -6.47 6.46 -19.92
#